data_6ZM8
#
_entry.id   6ZM8
#
_cell.length_a   34.087
_cell.length_b   77.272
_cell.length_c   35.728
_cell.angle_alpha   90.000
_cell.angle_beta   104.195
_cell.angle_gamma   90.000
#
_symmetry.space_group_name_H-M   'P 1 21 1'
#
loop_
_entity.id
_entity.type
_entity.pdbx_description
1 polymer muramidase
2 water water
#
_entity_poly.entity_id   1
_entity_poly.type   'polypeptide(L)'
_entity_poly.pdbx_seq_one_letter_code
;RIPGFDISGWQPTTDFARAYANGDRFVYIKATEGTTFKSSAFSRQYTGATQNGFIRGAYHFAQPAASSGAAQARYFASNG
GGWSKDGITLPGALDIEYNPNGATCYGLSQSAMVNWIEDFVTTYHGITSRWPVIYTTTDWWTQCTGNSNRFANRCPLWIA
RYASSVGTLPNGWGFYTFWQYNDKYPQGGDSNWFNGDASRLRALANGD
;
_entity_poly.pdbx_strand_id   A
#
# COMPACT_ATOMS: atom_id res chain seq x y z
N ARG A 1 16.94 7.05 -4.90
CA ARG A 1 15.80 6.84 -4.08
C ARG A 1 15.06 8.13 -3.88
N ILE A 2 13.74 8.06 -3.64
CA ILE A 2 12.92 9.23 -3.34
C ILE A 2 12.28 9.01 -1.99
N PRO A 3 12.27 10.03 -1.10
CA PRO A 3 11.60 9.88 0.19
C PRO A 3 10.09 10.09 0.10
N GLY A 4 9.38 9.36 0.95
CA GLY A 4 7.98 9.60 1.18
C GLY A 4 7.58 8.98 2.51
N PHE A 5 6.25 8.86 2.72
CA PHE A 5 5.77 8.50 4.04
C PHE A 5 4.35 7.94 3.92
N ASP A 6 3.80 7.50 5.05
CA ASP A 6 2.41 7.06 5.07
C ASP A 6 1.81 7.38 6.43
N ILE A 7 0.49 7.58 6.38
CA ILE A 7 -0.31 8.04 7.52
C ILE A 7 -1.68 7.36 7.49
N SER A 8 -2.32 7.42 8.64
CA SER A 8 -3.67 6.92 8.84
C SER A 8 -4.39 7.84 9.81
N GLY A 9 -5.57 7.45 10.25
CA GLY A 9 -6.28 8.21 11.28
C GLY A 9 -5.57 8.18 12.62
N TRP A 10 -4.53 7.42 12.81
CA TRP A 10 -3.72 7.49 14.04
C TRP A 10 -3.01 8.83 14.17
N GLN A 11 -2.72 9.50 13.03
CA GLN A 11 -1.97 10.76 13.03
C GLN A 11 -2.93 11.92 13.05
N PRO A 12 -2.97 12.74 14.11
CA PRO A 12 -3.88 13.87 14.13
C PRO A 12 -3.47 14.93 13.14
N THR A 13 -2.19 15.10 12.88
CA THR A 13 -1.60 16.30 12.28
C THR A 13 -0.65 15.90 11.15
N THR A 14 -0.88 16.50 9.95
CA THR A 14 0.10 16.42 8.87
C THR A 14 0.09 17.73 8.11
N ASP A 15 1.17 18.46 8.22
CA ASP A 15 1.40 19.71 7.46
C ASP A 15 2.13 19.35 6.19
N PHE A 16 1.41 19.27 5.10
CA PHE A 16 2.01 18.78 3.85
C PHE A 16 2.98 19.77 3.21
N ALA A 17 2.78 21.08 3.46
CA ALA A 17 3.80 22.03 2.99
C ALA A 17 5.14 21.74 3.69
N ARG A 18 5.09 21.51 5.00
CA ARG A 18 6.29 21.17 5.74
C ARG A 18 6.90 19.84 5.23
N ALA A 19 6.04 18.86 4.96
CA ALA A 19 6.53 17.58 4.44
C ALA A 19 7.22 17.78 3.09
N TYR A 20 6.64 18.59 2.21
CA TYR A 20 7.27 18.81 0.91
C TYR A 20 8.64 19.51 1.13
N ALA A 21 8.70 20.49 2.04
CA ALA A 21 9.95 21.17 2.34
C ALA A 21 11.00 20.21 2.90
N ASN A 22 10.57 19.18 3.62
CA ASN A 22 11.47 18.15 4.12
C ASN A 22 12.08 17.32 3.00
N GLY A 23 11.48 17.36 1.82
CA GLY A 23 11.95 16.58 0.68
C GLY A 23 11.08 15.40 0.36
N ASP A 24 10.01 15.15 1.14
CA ASP A 24 9.12 14.06 0.82
C ASP A 24 8.33 14.39 -0.46
N ARG A 25 8.07 13.34 -1.27
CA ARG A 25 7.43 13.55 -2.55
C ARG A 25 6.20 12.67 -2.78
N PHE A 26 6.02 11.64 -1.97
CA PHE A 26 4.83 10.80 -2.09
C PHE A 26 4.35 10.44 -0.68
N VAL A 27 3.05 10.10 -0.64
CA VAL A 27 2.43 9.69 0.62
C VAL A 27 1.35 8.64 0.29
N TYR A 28 1.29 7.62 1.14
CA TYR A 28 0.17 6.67 1.17
C TYR A 28 -0.68 6.95 2.40
N ILE A 29 -2.00 6.84 2.21
CA ILE A 29 -2.97 7.28 3.21
C ILE A 29 -4.00 6.18 3.41
N LYS A 30 -4.24 5.79 4.66
CA LYS A 30 -5.22 4.72 4.89
C LYS A 30 -6.61 5.18 4.48
N ALA A 31 -7.29 4.36 3.65
CA ALA A 31 -8.67 4.62 3.26
C ALA A 31 -9.61 3.72 4.02
N THR A 32 -9.45 2.40 3.90
CA THR A 32 -10.46 1.44 4.29
C THR A 32 -9.84 0.27 5.03
N GLU A 33 -10.72 -0.49 5.70
CA GLU A 33 -10.37 -1.75 6.31
C GLU A 33 -11.60 -2.65 6.26
N GLY A 34 -11.43 -3.91 5.88
CA GLY A 34 -12.58 -4.76 5.75
C GLY A 34 -13.60 -4.22 4.76
N THR A 35 -14.90 -4.37 5.12
CA THR A 35 -15.97 -3.80 4.29
C THR A 35 -16.76 -2.75 5.07
N THR A 36 -16.31 -2.35 6.25
CA THR A 36 -17.15 -1.51 7.21
C THR A 36 -16.36 -0.27 7.66
N PHE A 37 -15.06 -0.19 7.48
CA PHE A 37 -14.26 0.90 8.07
C PHE A 37 -13.76 1.82 6.96
N LYS A 38 -14.08 3.10 7.09
CA LYS A 38 -13.54 4.15 6.24
CA LYS A 38 -13.54 4.15 6.24
C LYS A 38 -12.86 5.14 7.18
N SER A 39 -11.59 5.39 7.02
CA SER A 39 -10.90 6.33 7.90
C SER A 39 -11.51 7.72 7.84
N SER A 40 -11.86 8.26 9.01
CA SER A 40 -12.42 9.61 9.06
C SER A 40 -11.39 10.68 8.72
N ALA A 41 -10.10 10.34 8.72
CA ALA A 41 -9.02 11.29 8.39
C ALA A 41 -8.69 11.31 6.90
N PHE A 42 -9.17 10.31 6.16
CA PHE A 42 -8.70 10.13 4.77
C PHE A 42 -8.91 11.40 3.95
N SER A 43 -10.10 11.99 3.99
N SER A 43 -10.11 11.98 3.98
CA SER A 43 -10.37 13.11 3.09
CA SER A 43 -10.39 13.11 3.10
C SER A 43 -9.48 14.32 3.41
C SER A 43 -9.48 14.31 3.41
N ARG A 44 -9.30 14.66 4.69
CA ARG A 44 -8.42 15.78 5.05
C ARG A 44 -7.01 15.49 4.55
N GLN A 45 -6.56 14.26 4.75
CA GLN A 45 -5.17 13.91 4.40
C GLN A 45 -4.96 13.90 2.90
N TYR A 46 -5.88 13.28 2.18
CA TYR A 46 -5.72 13.16 0.71
C TYR A 46 -5.81 14.52 0.05
N THR A 47 -6.73 15.37 0.54
CA THR A 47 -6.83 16.75 0.04
C THR A 47 -5.57 17.54 0.36
N GLY A 48 -5.06 17.44 1.58
CA GLY A 48 -3.84 18.17 1.93
C GLY A 48 -2.67 17.74 1.06
N ALA A 49 -2.57 16.44 0.81
CA ALA A 49 -1.48 15.96 -0.06
C ALA A 49 -1.63 16.57 -1.45
N THR A 50 -2.84 16.52 -1.99
CA THR A 50 -3.10 17.02 -3.34
C THR A 50 -2.68 18.50 -3.45
N GLN A 51 -3.10 19.30 -2.48
CA GLN A 51 -2.93 20.74 -2.51
C GLN A 51 -1.49 21.18 -2.31
N ASN A 52 -0.63 20.28 -1.88
CA ASN A 52 0.77 20.61 -1.54
C ASN A 52 1.76 19.84 -2.38
N GLY A 53 1.34 19.43 -3.58
CA GLY A 53 2.28 18.95 -4.59
C GLY A 53 2.68 17.50 -4.44
N PHE A 54 2.02 16.73 -3.60
CA PHE A 54 2.34 15.32 -3.45
C PHE A 54 1.75 14.46 -4.56
N ILE A 55 2.53 13.40 -4.84
CA ILE A 55 2.03 12.17 -5.45
C ILE A 55 1.44 11.35 -4.28
N ARG A 56 0.24 10.82 -4.44
CA ARG A 56 -0.42 10.20 -3.28
C ARG A 56 -1.20 8.98 -3.72
N GLY A 57 -1.35 8.06 -2.79
CA GLY A 57 -2.21 6.91 -2.97
C GLY A 57 -2.91 6.56 -1.67
N ALA A 58 -3.81 5.60 -1.79
CA ALA A 58 -4.57 5.10 -0.66
C ALA A 58 -4.18 3.66 -0.37
N TYR A 59 -4.44 3.19 0.86
CA TYR A 59 -4.26 1.77 1.16
C TYR A 59 -5.46 1.21 1.92
N HIS A 60 -5.58 -0.11 1.80
CA HIS A 60 -6.67 -0.89 2.39
C HIS A 60 -6.08 -1.92 3.33
N PHE A 61 -6.56 -1.97 4.59
CA PHE A 61 -6.13 -3.01 5.51
C PHE A 61 -7.00 -4.26 5.31
N ALA A 62 -6.38 -5.31 4.80
CA ALA A 62 -7.07 -6.55 4.48
C ALA A 62 -7.57 -7.25 5.76
N GLN A 63 -8.78 -7.82 5.62
CA GLN A 63 -9.37 -8.68 6.65
C GLN A 63 -9.80 -9.97 5.97
N PRO A 64 -8.89 -10.90 5.72
CA PRO A 64 -9.21 -12.02 4.81
C PRO A 64 -10.25 -13.00 5.31
N ALA A 65 -10.53 -13.04 6.61
CA ALA A 65 -11.56 -13.93 7.12
C ALA A 65 -12.95 -13.29 7.10
N ALA A 66 -13.04 -12.00 6.89
CA ALA A 66 -14.31 -11.27 7.09
C ALA A 66 -15.19 -11.28 5.86
N SER A 67 -14.61 -11.35 4.67
N SER A 67 -14.61 -11.30 4.67
CA SER A 67 -15.36 -11.24 3.43
CA SER A 67 -15.31 -11.15 3.39
C SER A 67 -14.38 -11.54 2.31
C SER A 67 -14.38 -11.62 2.31
N SER A 68 -14.89 -11.66 1.09
CA SER A 68 -14.05 -12.01 -0.03
C SER A 68 -13.07 -10.87 -0.37
N GLY A 69 -12.02 -11.28 -1.11
CA GLY A 69 -11.11 -10.28 -1.62
C GLY A 69 -11.80 -9.32 -2.59
N ALA A 70 -12.72 -9.85 -3.41
CA ALA A 70 -13.45 -9.01 -4.37
C ALA A 70 -14.27 -7.96 -3.63
N ALA A 71 -14.97 -8.38 -2.55
CA ALA A 71 -15.81 -7.43 -1.82
C ALA A 71 -14.96 -6.30 -1.24
N GLN A 72 -13.77 -6.66 -0.73
CA GLN A 72 -12.90 -5.62 -0.14
C GLN A 72 -12.28 -4.73 -1.23
N ALA A 73 -11.96 -5.30 -2.40
CA ALA A 73 -11.46 -4.45 -3.48
C ALA A 73 -12.53 -3.46 -3.93
N ARG A 74 -13.79 -3.91 -4.03
CA ARG A 74 -14.87 -2.99 -4.40
C ARG A 74 -15.02 -1.90 -3.35
N TYR A 75 -15.01 -2.26 -2.08
CA TYR A 75 -15.18 -1.28 -1.00
C TYR A 75 -14.05 -0.26 -1.04
N PHE A 76 -12.82 -0.75 -1.15
CA PHE A 76 -11.65 0.14 -1.24
C PHE A 76 -11.75 1.08 -2.44
N ALA A 77 -12.00 0.53 -3.64
CA ALA A 77 -12.01 1.34 -4.85
C ALA A 77 -13.11 2.40 -4.82
N SER A 78 -14.21 2.13 -4.09
CA SER A 78 -15.32 3.07 -3.98
C SER A 78 -15.13 4.12 -2.89
N ASN A 79 -14.15 3.96 -2.03
CA ASN A 79 -14.03 4.75 -0.80
C ASN A 79 -12.60 5.25 -0.58
N GLY A 80 -11.94 5.59 -1.67
CA GLY A 80 -10.63 6.27 -1.58
C GLY A 80 -9.56 5.66 -2.44
N GLY A 81 -9.73 4.40 -2.82
CA GLY A 81 -8.76 3.68 -3.62
C GLY A 81 -8.95 3.84 -5.12
N GLY A 82 -9.83 4.72 -5.57
CA GLY A 82 -9.95 4.98 -6.99
C GLY A 82 -8.68 5.59 -7.57
N TRP A 83 -8.49 5.39 -8.85
CA TRP A 83 -7.28 5.84 -9.51
C TRP A 83 -7.66 6.78 -10.67
N SER A 84 -6.82 7.72 -11.00
N SER A 84 -6.72 7.71 -10.94
CA SER A 84 -6.96 8.40 -12.31
CA SER A 84 -6.77 8.70 -12.05
C SER A 84 -5.54 8.71 -12.78
C SER A 84 -5.41 8.69 -12.75
N LYS A 85 -5.43 8.82 -14.09
CA LYS A 85 -4.16 8.94 -14.84
C LYS A 85 -3.76 10.44 -14.94
N ASP A 86 -3.53 11.04 -13.79
CA ASP A 86 -3.22 12.48 -13.65
C ASP A 86 -1.79 12.71 -13.27
N GLY A 87 -0.98 11.64 -13.21
CA GLY A 87 0.44 11.73 -12.87
C GLY A 87 0.71 11.87 -11.40
N ILE A 88 -0.34 11.96 -10.56
CA ILE A 88 -0.13 12.17 -9.14
C ILE A 88 -0.86 11.14 -8.28
N THR A 89 -1.47 10.12 -8.90
CA THR A 89 -2.22 9.12 -8.15
C THR A 89 -1.52 7.79 -8.26
N LEU A 90 -1.01 7.31 -7.12
CA LEU A 90 -0.43 5.98 -7.09
C LEU A 90 -1.54 4.93 -7.15
N PRO A 91 -1.24 3.74 -7.68
CA PRO A 91 -2.18 2.64 -7.54
C PRO A 91 -2.40 2.37 -6.05
N GLY A 92 -3.63 1.98 -5.71
CA GLY A 92 -3.93 1.65 -4.32
C GLY A 92 -3.06 0.48 -3.86
N ALA A 93 -2.83 0.45 -2.54
CA ALA A 93 -2.06 -0.61 -1.92
C ALA A 93 -2.93 -1.50 -1.04
N LEU A 94 -2.69 -2.81 -1.15
CA LEU A 94 -3.27 -3.82 -0.28
C LEU A 94 -2.30 -4.05 0.88
N ASP A 95 -2.71 -3.66 2.10
CA ASP A 95 -1.92 -3.89 3.31
C ASP A 95 -2.37 -5.23 3.87
N ILE A 96 -1.56 -6.25 3.60
CA ILE A 96 -1.87 -7.64 3.90
C ILE A 96 -0.79 -8.17 4.86
N GLU A 97 -1.15 -8.25 6.13
CA GLU A 97 -0.17 -8.45 7.18
CA GLU A 97 -0.13 -8.65 7.12
C GLU A 97 -0.86 -9.10 8.39
N TYR A 98 -0.09 -9.19 9.48
CA TYR A 98 -0.49 -9.89 10.71
C TYR A 98 -1.91 -9.48 11.13
N ASN A 99 -2.72 -10.51 11.41
CA ASN A 99 -4.04 -10.26 12.01
C ASN A 99 -3.91 -9.44 13.30
N PRO A 100 -4.59 -8.27 13.35
CA PRO A 100 -4.38 -7.39 14.43
C PRO A 100 -5.45 -8.00 15.54
N ASN A 101 -6.29 -9.03 15.41
CA ASN A 101 -7.34 -9.33 16.39
C ASN A 101 -7.22 -10.82 16.77
N GLY A 102 -6.10 -11.52 16.39
CA GLY A 102 -6.07 -12.96 16.51
C GLY A 102 -4.92 -13.57 15.76
N ALA A 103 -5.08 -14.82 15.43
CA ALA A 103 -4.00 -15.60 14.79
C ALA A 103 -3.56 -14.97 13.46
N THR A 104 -2.25 -14.94 13.29
CA THR A 104 -1.61 -14.12 12.29
C THR A 104 -2.13 -14.35 10.85
N CYS A 105 -2.41 -15.59 10.48
CA CYS A 105 -2.86 -15.91 9.12
C CYS A 105 -4.40 -15.95 8.98
N TYR A 106 -5.12 -15.46 10.01
CA TYR A 106 -6.57 -15.23 9.94
C TYR A 106 -7.36 -16.55 9.85
N GLY A 107 -6.73 -17.68 10.12
CA GLY A 107 -7.39 -18.98 9.98
C GLY A 107 -7.44 -19.52 8.56
N LEU A 108 -6.88 -18.83 7.60
CA LEU A 108 -6.88 -19.33 6.22
C LEU A 108 -5.68 -20.24 6.01
N SER A 109 -5.84 -21.26 5.15
CA SER A 109 -4.69 -21.99 4.66
C SER A 109 -3.87 -21.07 3.72
N GLN A 110 -2.64 -21.50 3.43
CA GLN A 110 -1.78 -20.69 2.56
C GLN A 110 -2.40 -20.54 1.18
N SER A 111 -2.89 -21.65 0.62
CA SER A 111 -3.49 -21.57 -0.70
C SER A 111 -4.78 -20.75 -0.70
N ALA A 112 -5.58 -20.84 0.37
CA ALA A 112 -6.78 -20.02 0.47
C ALA A 112 -6.38 -18.54 0.54
N MET A 113 -5.31 -18.24 1.25
CA MET A 113 -4.85 -16.85 1.36
C MET A 113 -4.39 -16.33 -0.01
N VAL A 114 -3.64 -17.16 -0.75
CA VAL A 114 -3.25 -16.76 -2.11
C VAL A 114 -4.50 -16.50 -2.95
N ASN A 115 -5.52 -17.37 -2.86
CA ASN A 115 -6.71 -17.14 -3.64
C ASN A 115 -7.41 -15.84 -3.22
N TRP A 116 -7.43 -15.52 -1.94
CA TRP A 116 -8.07 -14.31 -1.47
C TRP A 116 -7.37 -13.08 -2.06
N ILE A 117 -6.04 -13.09 -1.97
CA ILE A 117 -5.24 -11.97 -2.52
C ILE A 117 -5.48 -11.88 -4.03
N GLU A 118 -5.48 -13.02 -4.73
CA GLU A 118 -5.77 -13.00 -6.17
C GLU A 118 -7.11 -12.35 -6.46
N ASP A 119 -8.12 -12.70 -5.66
CA ASP A 119 -9.45 -12.12 -5.87
C ASP A 119 -9.40 -10.60 -5.67
N PHE A 120 -8.72 -10.14 -4.62
CA PHE A 120 -8.58 -8.70 -4.41
C PHE A 120 -7.88 -8.03 -5.59
N VAL A 121 -6.72 -8.56 -5.98
N VAL A 121 -6.72 -8.59 -5.97
CA VAL A 121 -5.93 -7.79 -6.97
CA VAL A 121 -5.82 -8.04 -7.01
C VAL A 121 -6.59 -7.87 -8.36
C VAL A 121 -6.59 -7.89 -8.33
N THR A 122 -7.18 -9.02 -8.74
CA THR A 122 -7.88 -9.10 -10.01
C THR A 122 -9.07 -8.15 -10.02
N THR A 123 -9.83 -8.13 -8.92
CA THR A 123 -11.01 -7.26 -8.85
C THR A 123 -10.59 -5.79 -8.90
N TYR A 124 -9.58 -5.43 -8.12
CA TYR A 124 -9.12 -4.04 -8.11
C TYR A 124 -8.68 -3.59 -9.52
N HIS A 125 -7.95 -4.48 -10.20
CA HIS A 125 -7.49 -4.16 -11.58
C HIS A 125 -8.69 -4.03 -12.55
N GLY A 126 -9.68 -4.90 -12.41
CA GLY A 126 -10.85 -4.80 -13.26
C GLY A 126 -11.62 -3.51 -13.04
N ILE A 127 -11.64 -3.00 -11.81
CA ILE A 127 -12.35 -1.77 -11.51
C ILE A 127 -11.55 -0.55 -12.01
N THR A 128 -10.27 -0.49 -11.60
CA THR A 128 -9.51 0.74 -11.72
C THR A 128 -8.60 0.80 -12.94
N SER A 129 -8.27 -0.34 -13.53
CA SER A 129 -7.25 -0.54 -14.56
C SER A 129 -5.85 -0.81 -14.00
N ARG A 130 -5.67 -0.72 -12.68
CA ARG A 130 -4.36 -0.84 -12.10
C ARG A 130 -4.22 -2.10 -11.24
N TRP A 131 -3.05 -2.74 -11.36
CA TRP A 131 -2.68 -3.73 -10.36
C TRP A 131 -2.29 -2.99 -9.08
N PRO A 132 -2.79 -3.43 -7.92
CA PRO A 132 -2.45 -2.76 -6.68
C PRO A 132 -1.01 -3.07 -6.28
N VAL A 133 -0.45 -2.15 -5.48
CA VAL A 133 0.75 -2.44 -4.70
C VAL A 133 0.39 -3.42 -3.58
N ILE A 134 1.32 -4.31 -3.24
CA ILE A 134 1.16 -5.17 -2.07
C ILE A 134 2.13 -4.72 -0.99
N TYR A 135 1.58 -4.35 0.18
CA TYR A 135 2.36 -4.06 1.38
C TYR A 135 2.31 -5.29 2.27
N THR A 136 3.49 -5.78 2.65
CA THR A 136 3.58 -6.93 3.54
C THR A 136 4.97 -6.95 4.17
N THR A 137 5.22 -8.03 4.93
CA THR A 137 6.54 -8.34 5.42
C THR A 137 6.94 -9.72 4.91
N THR A 138 8.26 -9.96 4.79
CA THR A 138 8.69 -11.24 4.27
C THR A 138 8.28 -12.39 5.19
N ASP A 139 8.37 -12.17 6.49
CA ASP A 139 8.01 -13.22 7.43
C ASP A 139 6.51 -13.53 7.40
N TRP A 140 5.66 -12.50 7.35
CA TRP A 140 4.21 -12.79 7.28
C TRP A 140 3.90 -13.51 5.97
N TRP A 141 4.48 -12.99 4.87
CA TRP A 141 4.20 -13.56 3.56
C TRP A 141 4.62 -15.02 3.50
N THR A 142 5.76 -15.33 4.10
CA THR A 142 6.23 -16.72 4.11
C THR A 142 5.25 -17.62 4.87
N GLN A 143 4.89 -17.21 6.08
N GLN A 143 4.91 -17.20 6.10
CA GLN A 143 4.02 -18.10 6.87
CA GLN A 143 4.04 -18.01 6.97
C GLN A 143 2.62 -18.22 6.29
C GLN A 143 2.66 -18.19 6.34
N CYS A 144 2.10 -17.12 5.78
CA CYS A 144 0.66 -17.08 5.49
C CYS A 144 0.32 -17.34 4.01
N THR A 145 1.31 -17.23 3.11
CA THR A 145 1.06 -17.55 1.69
C THR A 145 1.94 -18.71 1.22
N GLY A 146 2.79 -19.25 2.09
CA GLY A 146 3.78 -20.21 1.60
C GLY A 146 4.86 -19.55 0.77
N ASN A 147 5.08 -18.26 0.99
CA ASN A 147 6.04 -17.48 0.22
C ASN A 147 5.72 -17.54 -1.27
N SER A 148 4.49 -17.13 -1.61
CA SER A 148 4.00 -17.25 -2.99
C SER A 148 4.64 -16.22 -3.92
N ASN A 149 5.03 -16.65 -5.11
CA ASN A 149 5.53 -15.75 -6.14
C ASN A 149 4.43 -15.28 -7.09
N ARG A 150 3.17 -15.54 -6.80
CA ARG A 150 2.10 -15.39 -7.79
C ARG A 150 1.81 -13.97 -8.20
N PHE A 151 2.18 -12.99 -7.37
CA PHE A 151 1.76 -11.59 -7.60
C PHE A 151 2.93 -10.72 -8.07
N ALA A 152 4.17 -11.20 -8.05
CA ALA A 152 5.31 -10.32 -8.23
C ALA A 152 5.38 -9.68 -9.61
N ASN A 153 4.86 -10.35 -10.64
N ASN A 153 4.97 -10.39 -10.65
CA ASN A 153 4.92 -9.82 -12.02
CA ASN A 153 5.03 -9.79 -11.99
C ASN A 153 3.73 -8.91 -12.36
C ASN A 153 4.09 -8.59 -12.08
N ARG A 154 2.89 -8.66 -11.42
CA ARG A 154 1.82 -7.67 -11.57
C ARG A 154 1.89 -6.55 -10.53
N CYS A 155 2.15 -6.91 -9.29
CA CYS A 155 1.92 -6.01 -8.13
C CYS A 155 3.25 -5.52 -7.59
N PRO A 156 3.52 -4.21 -7.66
CA PRO A 156 4.75 -3.70 -7.06
C PRO A 156 4.78 -4.01 -5.55
N LEU A 157 5.96 -4.26 -5.03
CA LEU A 157 6.13 -4.61 -3.61
C LEU A 157 6.43 -3.38 -2.77
N TRP A 158 5.67 -3.26 -1.68
CA TRP A 158 5.92 -2.29 -0.61
C TRP A 158 6.28 -3.14 0.63
N ILE A 159 7.57 -3.24 0.89
CA ILE A 159 8.06 -4.15 1.94
C ILE A 159 8.32 -3.34 3.21
N ALA A 160 8.00 -3.93 4.35
CA ALA A 160 8.26 -3.28 5.64
C ALA A 160 9.38 -4.04 6.39
N ARG A 161 10.38 -3.28 6.81
CA ARG A 161 11.44 -3.81 7.69
C ARG A 161 12.17 -2.61 8.29
N TYR A 162 12.08 -2.44 9.60
CA TYR A 162 12.67 -1.26 10.24
C TYR A 162 14.08 -1.66 10.69
N ALA A 163 15.01 -1.49 9.76
CA ALA A 163 16.38 -1.96 9.90
C ALA A 163 17.25 -1.16 8.98
N SER A 164 18.56 -1.36 9.10
N SER A 164 18.56 -1.35 9.09
CA SER A 164 19.52 -0.56 8.31
CA SER A 164 19.54 -0.59 8.27
C SER A 164 19.54 -0.98 6.86
C SER A 164 19.45 -0.95 6.81
N SER A 165 19.01 -2.15 6.53
CA SER A 165 18.89 -2.57 5.13
C SER A 165 17.54 -3.27 4.97
N VAL A 166 17.14 -3.40 3.72
CA VAL A 166 15.76 -3.88 3.41
C VAL A 166 15.58 -5.34 3.75
N GLY A 167 16.66 -6.11 3.68
CA GLY A 167 16.58 -7.52 3.97
C GLY A 167 16.03 -8.32 2.81
N THR A 168 15.77 -9.57 3.11
CA THR A 168 15.33 -10.52 2.08
C THR A 168 13.91 -10.19 1.67
N LEU A 169 13.62 -10.24 0.37
CA LEU A 169 12.30 -9.95 -0.16
C LEU A 169 11.50 -11.24 -0.26
N PRO A 170 10.17 -11.14 -0.33
CA PRO A 170 9.36 -12.32 -0.57
C PRO A 170 9.67 -12.89 -1.96
N ASN A 171 9.40 -14.18 -2.07
CA ASN A 171 9.64 -14.92 -3.32
C ASN A 171 8.95 -14.27 -4.51
N GLY A 172 9.72 -14.16 -5.59
CA GLY A 172 9.18 -13.65 -6.86
C GLY A 172 9.62 -12.24 -7.17
N TRP A 173 9.81 -11.40 -6.15
CA TRP A 173 10.17 -10.01 -6.40
C TRP A 173 11.69 -9.86 -6.45
N GLY A 174 12.18 -9.29 -7.54
CA GLY A 174 13.61 -9.01 -7.66
C GLY A 174 14.04 -7.75 -6.96
N PHE A 175 13.08 -6.90 -6.60
CA PHE A 175 13.37 -5.59 -6.03
C PHE A 175 12.11 -5.11 -5.34
N TYR A 176 12.31 -4.22 -4.36
CA TYR A 176 11.13 -3.54 -3.83
CA TYR A 176 11.21 -3.49 -3.77
C TYR A 176 10.87 -2.28 -4.65
N THR A 177 9.60 -1.88 -4.63
CA THR A 177 9.21 -0.59 -5.18
C THR A 177 9.18 0.47 -4.09
N PHE A 178 8.56 0.14 -2.94
CA PHE A 178 8.65 0.98 -1.75
C PHE A 178 9.20 0.12 -0.60
N TRP A 179 9.92 0.78 0.31
CA TRP A 179 10.44 0.15 1.52
C TRP A 179 10.06 1.05 2.70
N GLN A 180 9.22 0.52 3.59
CA GLN A 180 8.87 1.19 4.84
C GLN A 180 9.96 0.83 5.87
N TYR A 181 10.77 1.84 6.20
CA TYR A 181 12.00 1.59 6.95
C TYR A 181 11.97 2.14 8.38
N ASN A 182 10.94 2.91 8.75
CA ASN A 182 10.73 3.23 10.16
C ASN A 182 9.27 3.60 10.34
N ASP A 183 8.88 3.67 11.63
CA ASP A 183 7.57 4.17 12.05
C ASP A 183 7.70 5.49 12.79
N LYS A 184 8.64 6.33 12.32
CA LYS A 184 9.04 7.54 13.01
C LYS A 184 9.09 8.72 12.03
N TYR A 185 8.10 8.84 11.16
CA TYR A 185 8.01 10.06 10.36
C TYR A 185 7.95 11.24 11.32
N PRO A 186 8.62 12.38 11.04
CA PRO A 186 8.75 13.42 12.09
C PRO A 186 7.42 14.00 12.55
N GLN A 187 6.45 14.07 11.67
CA GLN A 187 5.11 14.59 12.03
C GLN A 187 4.16 13.48 12.47
N GLY A 188 4.63 12.25 12.59
CA GLY A 188 3.80 11.11 12.86
C GLY A 188 3.55 10.31 11.58
N GLY A 189 3.64 9.00 11.70
CA GLY A 189 3.48 8.10 10.56
C GLY A 189 4.73 7.30 10.32
N ASP A 190 4.75 6.65 9.15
CA ASP A 190 5.88 5.80 8.78
C ASP A 190 6.66 6.42 7.63
N SER A 191 7.95 6.08 7.55
CA SER A 191 8.80 6.59 6.49
C SER A 191 9.06 5.51 5.44
N ASN A 192 9.06 5.95 4.17
CA ASN A 192 9.27 5.07 3.03
C ASN A 192 10.34 5.63 2.10
N TRP A 193 10.99 4.68 1.41
CA TRP A 193 11.78 4.98 0.21
C TRP A 193 11.06 4.42 -0.99
N PHE A 194 11.09 5.19 -2.08
CA PHE A 194 10.75 4.69 -3.41
C PHE A 194 12.05 4.36 -4.14
N ASN A 195 12.10 3.15 -4.72
CA ASN A 195 13.30 2.63 -5.38
C ASN A 195 13.36 3.06 -6.84
N GLY A 196 13.62 4.31 -7.07
CA GLY A 196 13.74 4.82 -8.41
C GLY A 196 13.82 6.32 -8.42
N ASP A 197 13.90 6.87 -9.61
CA ASP A 197 13.99 8.30 -9.82
C ASP A 197 12.62 8.90 -10.09
N ALA A 198 12.63 10.24 -10.30
CA ALA A 198 11.36 10.96 -10.43
C ALA A 198 10.57 10.48 -11.63
N SER A 199 11.23 10.25 -12.74
N SER A 199 11.24 10.20 -12.74
N SER A 199 11.25 10.21 -12.73
CA SER A 199 10.47 9.78 -13.90
CA SER A 199 10.56 9.73 -13.94
CA SER A 199 10.59 9.68 -13.93
C SER A 199 9.82 8.44 -13.59
C SER A 199 9.91 8.37 -13.70
C SER A 199 9.88 8.37 -13.65
N ARG A 200 10.53 7.53 -12.89
CA ARG A 200 9.95 6.21 -12.59
C ARG A 200 8.80 6.31 -11.61
N LEU A 201 8.86 7.26 -10.66
CA LEU A 201 7.72 7.46 -9.76
C LEU A 201 6.51 7.97 -10.55
N ARG A 202 6.75 8.90 -11.45
CA ARG A 202 5.67 9.38 -12.32
CA ARG A 202 5.71 9.41 -12.36
C ARG A 202 5.13 8.23 -13.17
N ALA A 203 6.00 7.35 -13.69
CA ALA A 203 5.53 6.22 -14.50
C ALA A 203 4.66 5.28 -13.68
N LEU A 204 5.00 5.07 -12.40
CA LEU A 204 4.17 4.24 -11.53
C LEU A 204 2.82 4.89 -11.33
N ALA A 205 2.79 6.20 -11.09
CA ALA A 205 1.52 6.91 -10.98
C ALA A 205 0.71 6.79 -12.29
N ASN A 206 1.38 6.93 -13.42
CA ASN A 206 0.67 6.92 -14.70
C ASN A 206 0.30 5.52 -15.19
N GLY A 207 1.19 4.56 -14.82
CA GLY A 207 0.69 3.17 -15.04
C GLY A 207 1.24 2.77 -16.36
N ASP A 208 2.39 3.28 -16.64
CA ASP A 208 2.98 3.04 -17.94
C ASP A 208 4.48 3.22 -17.86
#